data_8S5R
#
_entry.id   8S5R
#
_cell.length_a   46.999
_cell.length_b   51.957
_cell.length_c   58.628
_cell.angle_alpha   88.333
_cell.angle_beta   105.892
_cell.angle_gamma   117.433
#
_symmetry.space_group_name_H-M   'P 1'
#
loop_
_entity.id
_entity.type
_entity.pdbx_description
1 polymer 'Effector SemD'
2 water water
#
_entity_poly.entity_id   1
_entity_poly.type   'polypeptide(L)'
_entity_poly.pdbx_seq_one_letter_code
;MGKKSPDSSQGASGPAMQSPSGPTIRPTRPAPPPPTTGGANAKRPATHGKGRAPQPPTAGSSSGSEQPTAMSSEVAKLVS
ELKDAVLKDAVHSHAESQKVLKKVSQELQTKWTDWENNRGPDYLLHGYRVIARALQQTYTEQSMLIEGPVPQAPVPQAVT
VAKDAVTQTVRGAIKNLENPKPGNDPDGVLMQVVISLGIEGPTLDPGESIQNFLETRVSDFGGDDSDIDYTSDIARLGSA
LDRVRENHPNEMPRIWIALARELGAAVHSHATSVRIANAGKNHTRDVVRMANESSRLLQGMKVLSVGAWANTMTVLIGDL
FA
;
_entity_poly.pdbx_strand_id   B,A
#
# COMPACT_ATOMS: atom_id res chain seq x y z
N VAL A 86 9.83 15.48 9.91
CA VAL A 86 9.03 16.30 9.02
C VAL A 86 8.88 17.67 9.65
N LEU A 87 8.37 18.64 8.91
CA LEU A 87 7.91 19.83 9.59
C LEU A 87 6.86 19.40 10.59
N LYS A 88 6.93 19.98 11.78
CA LYS A 88 5.83 19.85 12.73
C LYS A 88 4.52 20.13 12.04
N ASP A 89 4.59 21.03 11.06
CA ASP A 89 3.49 21.80 10.56
C ASP A 89 2.67 20.86 9.66
N ALA A 90 3.40 20.15 8.79
CA ALA A 90 2.84 19.12 7.92
C ALA A 90 2.33 17.93 8.72
N VAL A 91 3.01 17.59 9.82
CA VAL A 91 2.54 16.48 10.64
C VAL A 91 1.20 16.82 11.29
N HIS A 92 1.03 18.08 11.70
CA HIS A 92 -0.28 18.47 12.19
C HIS A 92 -1.32 18.47 11.07
N SER A 93 -0.94 18.96 9.89
CA SER A 93 -1.90 18.99 8.79
C SER A 93 -2.29 17.59 8.34
N HIS A 94 -1.40 16.60 8.47
CA HIS A 94 -1.76 15.22 8.09
C HIS A 94 -2.87 14.68 8.99
N ALA A 95 -2.78 14.95 10.30
CA ALA A 95 -3.84 14.54 11.20
C ALA A 95 -5.15 15.25 10.87
N GLU A 96 -5.09 16.56 10.63
CA GLU A 96 -6.32 17.24 10.25
C GLU A 96 -6.91 16.64 8.97
N SER A 97 -6.06 16.23 8.03
CA SER A 97 -6.51 15.62 6.79
C SER A 97 -7.16 14.27 7.03
N GLN A 98 -6.60 13.46 7.94
CA GLN A 98 -7.21 12.18 8.27
C GLN A 98 -8.63 12.38 8.77
N LYS A 99 -8.81 13.37 9.64
CA LYS A 99 -10.16 13.67 10.16
C LYS A 99 -11.10 14.14 9.04
N VAL A 100 -10.64 15.08 8.22
CA VAL A 100 -11.48 15.54 7.11
C VAL A 100 -11.82 14.38 6.18
N LEU A 101 -10.88 13.46 5.99
CA LEU A 101 -11.11 12.34 5.08
C LEU A 101 -12.25 11.45 5.58
N LYS A 102 -12.24 11.10 6.88
CA LYS A 102 -13.35 10.27 7.35
C LYS A 102 -14.67 11.05 7.33
N LYS A 103 -14.64 12.37 7.57
CA LYS A 103 -15.89 13.13 7.49
C LYS A 103 -16.45 13.14 6.08
N VAL A 104 -15.59 13.31 5.07
CA VAL A 104 -16.06 13.35 3.68
C VAL A 104 -16.58 11.99 3.25
N SER A 105 -15.89 10.92 3.63
CA SER A 105 -16.38 9.59 3.28
C SER A 105 -17.77 9.33 3.88
N GLN A 106 -17.94 9.67 5.16
CA GLN A 106 -19.24 9.48 5.78
C GLN A 106 -20.31 10.37 5.16
N GLU A 107 -19.96 11.61 4.83
CA GLU A 107 -20.95 12.50 4.24
C GLU A 107 -21.37 12.03 2.86
N LEU A 108 -20.40 11.55 2.07
CA LEU A 108 -20.72 10.97 0.77
C LEU A 108 -21.69 9.80 0.91
N GLN A 109 -21.41 8.89 1.85
CA GLN A 109 -22.26 7.70 1.95
C GLN A 109 -23.62 8.02 2.54
N THR A 110 -23.72 9.01 3.43
CA THR A 110 -25.04 9.41 3.90
C THR A 110 -25.83 10.15 2.81
N LYS A 111 -25.17 10.98 1.99
CA LYS A 111 -25.85 11.61 0.86
C LYS A 111 -26.36 10.56 -0.11
N TRP A 112 -25.52 9.58 -0.44
CA TRP A 112 -25.94 8.55 -1.38
C TRP A 112 -27.06 7.68 -0.81
N THR A 113 -27.05 7.36 0.50
CA THR A 113 -28.15 6.57 1.04
C THR A 113 -29.45 7.37 1.03
N ASP A 114 -29.40 8.66 1.38
CA ASP A 114 -30.58 9.51 1.26
C ASP A 114 -31.08 9.63 -0.20
N TRP A 115 -30.16 9.78 -1.17
CA TRP A 115 -30.58 9.96 -2.57
C TRP A 115 -31.11 8.66 -3.17
N GLU A 116 -30.43 7.53 -2.93
CA GLU A 116 -30.98 6.26 -3.39
C GLU A 116 -32.35 6.01 -2.79
N ASN A 117 -32.52 6.28 -1.48
CA ASN A 117 -33.82 6.08 -0.83
C ASN A 117 -34.90 6.98 -1.41
N ASN A 118 -34.61 8.27 -1.59
CA ASN A 118 -35.68 9.23 -1.81
C ASN A 118 -35.80 9.77 -3.23
N ARG A 119 -34.76 9.64 -4.07
CA ARG A 119 -34.80 10.29 -5.38
C ARG A 119 -34.82 9.29 -6.53
N GLY A 120 -34.99 8.00 -6.22
CA GLY A 120 -35.21 6.98 -7.21
C GLY A 120 -34.21 6.94 -8.35
N PRO A 121 -34.73 6.88 -9.58
CA PRO A 121 -33.86 6.70 -10.76
C PRO A 121 -32.85 7.80 -10.97
N ASP A 122 -33.15 9.04 -10.56
CA ASP A 122 -32.17 10.11 -10.67
C ASP A 122 -30.88 9.72 -9.98
N TYR A 123 -30.98 9.02 -8.85
CA TYR A 123 -29.76 8.61 -8.15
C TYR A 123 -28.91 7.72 -9.03
N LEU A 124 -29.55 6.75 -9.70
CA LEU A 124 -28.79 5.85 -10.56
C LEU A 124 -28.16 6.63 -11.71
N LEU A 125 -28.90 7.60 -12.27
CA LEU A 125 -28.35 8.30 -13.41
C LEU A 125 -27.21 9.20 -12.98
N HIS A 126 -27.29 9.77 -11.77
CA HIS A 126 -26.16 10.56 -11.33
C HIS A 126 -24.95 9.64 -11.15
N GLY A 127 -25.22 8.41 -10.70
CA GLY A 127 -24.15 7.43 -10.58
C GLY A 127 -23.43 7.23 -11.89
N TYR A 128 -24.20 7.01 -12.98
CA TYR A 128 -23.54 6.76 -14.25
C TYR A 128 -22.77 7.99 -14.68
N ARG A 129 -23.33 9.17 -14.41
CA ARG A 129 -22.64 10.40 -14.78
C ARG A 129 -21.31 10.51 -14.04
N VAL A 130 -21.28 10.18 -12.74
CA VAL A 130 -20.01 10.24 -12.02
C VAL A 130 -19.04 9.24 -12.59
N ILE A 131 -19.53 8.03 -12.87
CA ILE A 131 -18.63 7.01 -13.39
C ILE A 131 -18.09 7.45 -14.74
N ALA A 132 -18.97 8.00 -15.59
CA ALA A 132 -18.53 8.41 -16.91
C ALA A 132 -17.45 9.49 -16.80
N ARG A 133 -17.65 10.43 -15.86
CA ARG A 133 -16.66 11.48 -15.67
C ARG A 133 -15.30 10.88 -15.28
N ALA A 134 -15.31 9.93 -14.32
CA ALA A 134 -14.04 9.36 -13.87
C ALA A 134 -13.35 8.60 -15.00
N LEU A 135 -14.12 7.92 -15.85
CA LEU A 135 -13.46 7.22 -16.94
C LEU A 135 -12.85 8.23 -17.90
N GLN A 136 -13.60 9.30 -18.22
CA GLN A 136 -13.05 10.37 -19.05
C GLN A 136 -11.79 10.92 -18.41
N GLN A 137 -11.76 11.00 -17.09
CA GLN A 137 -10.56 11.45 -16.43
C GLN A 137 -9.38 10.53 -16.77
N THR A 138 -9.52 9.21 -16.59
CA THR A 138 -8.35 8.40 -16.89
C THR A 138 -8.07 8.43 -18.37
N TYR A 139 -9.10 8.64 -19.20
CA TYR A 139 -8.84 8.72 -20.63
C TYR A 139 -7.95 9.92 -20.94
N THR A 140 -8.25 11.10 -20.37
CA THR A 140 -7.49 12.28 -20.75
C THR A 140 -6.10 12.26 -20.12
N GLU A 141 -6.03 11.97 -18.83
CA GLU A 141 -4.74 11.95 -18.14
C GLU A 141 -3.79 10.94 -18.78
N GLN A 142 -4.27 9.71 -19.01
CA GLN A 142 -3.40 8.72 -19.65
C GLN A 142 -3.07 9.13 -21.09
N SER A 143 -3.99 9.82 -21.77
CA SER A 143 -3.68 10.34 -23.09
C SER A 143 -2.53 11.33 -23.04
N MET A 144 -2.44 12.11 -21.97
CA MET A 144 -1.32 13.03 -21.81
C MET A 144 0.00 12.27 -21.70
N LEU A 145 -0.02 11.10 -21.06
CA LEU A 145 1.23 10.39 -20.79
C LEU A 145 1.88 9.82 -22.04
N ILE A 146 1.10 9.56 -23.08
CA ILE A 146 1.65 8.92 -24.28
C ILE A 146 2.65 9.86 -24.94
N GLU A 147 3.91 9.40 -25.04
CA GLU A 147 5.04 10.20 -25.54
C GLU A 147 5.64 9.67 -26.83
N PRO A 154 9.80 -0.25 -31.02
CA PRO A 154 8.45 -0.76 -31.33
C PRO A 154 7.69 -1.20 -30.08
N VAL A 155 6.36 -1.27 -30.17
CA VAL A 155 5.54 -1.65 -29.03
C VAL A 155 5.42 -3.15 -28.91
N PRO A 156 5.71 -3.71 -27.73
CA PRO A 156 5.76 -5.17 -27.57
C PRO A 156 4.44 -5.84 -27.89
N GLN A 157 4.54 -7.14 -28.22
CA GLN A 157 3.37 -7.95 -28.50
C GLN A 157 2.47 -8.08 -27.27
N ALA A 158 3.06 -8.08 -26.07
CA ALA A 158 2.26 -8.18 -24.85
C ALA A 158 1.23 -7.05 -24.76
N VAL A 159 1.54 -5.87 -25.31
CA VAL A 159 0.59 -4.77 -25.33
C VAL A 159 -0.61 -5.10 -26.23
N THR A 160 -0.34 -5.63 -27.43
CA THR A 160 -1.44 -6.02 -28.32
C THR A 160 -2.30 -7.08 -27.66
N VAL A 161 -1.66 -8.03 -26.98
CA VAL A 161 -2.41 -9.06 -26.26
C VAL A 161 -3.25 -8.44 -25.14
N ALA A 162 -2.70 -7.44 -24.45
CA ALA A 162 -3.47 -6.80 -23.40
C ALA A 162 -4.69 -6.07 -23.99
N LYS A 163 -4.49 -5.36 -25.11
CA LYS A 163 -5.61 -4.65 -25.73
C LYS A 163 -6.70 -5.63 -26.14
N ASP A 164 -6.30 -6.77 -26.71
CA ASP A 164 -7.29 -7.78 -27.08
C ASP A 164 -8.00 -8.34 -25.86
N ALA A 165 -7.28 -8.52 -24.75
CA ALA A 165 -7.90 -9.02 -23.54
C ALA A 165 -8.93 -8.04 -22.98
N VAL A 166 -8.66 -6.72 -23.05
CA VAL A 166 -9.65 -5.79 -22.51
C VAL A 166 -10.88 -5.76 -23.41
N THR A 167 -10.74 -5.76 -24.74
CA THR A 167 -11.99 -5.76 -25.52
C THR A 167 -12.80 -7.04 -25.27
N GLN A 168 -12.15 -8.20 -25.30
CA GLN A 168 -12.82 -9.47 -24.98
C GLN A 168 -13.55 -9.42 -23.64
N THR A 169 -12.87 -8.99 -22.58
CA THR A 169 -13.47 -8.96 -21.25
C THR A 169 -14.59 -7.93 -21.13
N VAL A 170 -14.43 -6.74 -21.71
CA VAL A 170 -15.50 -5.76 -21.65
C VAL A 170 -16.72 -6.29 -22.40
N ARG A 171 -16.48 -6.97 -23.53
CA ARG A 171 -17.58 -7.63 -24.23
C ARG A 171 -18.30 -8.62 -23.32
N GLY A 172 -17.53 -9.43 -22.56
CA GLY A 172 -18.14 -10.37 -21.63
C GLY A 172 -18.93 -9.69 -20.52
N ALA A 173 -18.40 -8.59 -20.00
CA ALA A 173 -19.06 -7.82 -18.94
C ALA A 173 -20.43 -7.32 -19.41
N ILE A 174 -20.44 -6.71 -20.59
CA ILE A 174 -21.69 -6.20 -21.12
C ILE A 174 -22.66 -7.33 -21.46
N LYS A 175 -22.16 -8.44 -22.02
CA LYS A 175 -23.05 -9.56 -22.35
C LYS A 175 -23.70 -10.11 -21.10
N ASN A 176 -22.90 -10.36 -20.06
CA ASN A 176 -23.44 -10.83 -18.78
C ASN A 176 -24.53 -9.90 -18.26
N LEU A 177 -24.35 -8.60 -18.45
CA LEU A 177 -25.29 -7.66 -17.88
C LEU A 177 -26.57 -7.54 -18.73
N GLU A 178 -26.45 -7.42 -20.05
CA GLU A 178 -27.57 -6.99 -20.88
C GLU A 178 -28.05 -8.02 -21.88
N ASN A 179 -27.40 -9.18 -22.00
CA ASN A 179 -27.89 -10.27 -22.84
C ASN A 179 -27.44 -11.58 -22.29
N PRO A 180 -27.98 -12.00 -21.15
CA PRO A 180 -27.47 -13.19 -20.46
C PRO A 180 -27.90 -14.46 -21.20
N LYS A 181 -27.21 -15.56 -20.89
CA LYS A 181 -27.48 -16.84 -21.52
C LYS A 181 -28.92 -17.27 -21.24
N PRO A 182 -29.49 -18.13 -22.10
CA PRO A 182 -30.80 -18.71 -21.76
C PRO A 182 -30.66 -19.47 -20.44
N GLY A 183 -31.49 -19.11 -19.47
CA GLY A 183 -31.44 -19.71 -18.16
C GLY A 183 -30.63 -18.98 -17.13
N ASN A 184 -30.09 -17.79 -17.46
CA ASN A 184 -29.39 -16.95 -16.49
C ASN A 184 -30.12 -15.62 -16.39
N ASP A 185 -29.88 -14.94 -15.31
CA ASP A 185 -30.39 -13.59 -15.14
C ASP A 185 -29.31 -12.56 -15.43
N PRO A 186 -29.70 -11.31 -15.67
CA PRO A 186 -28.69 -10.25 -15.81
C PRO A 186 -27.78 -10.22 -14.59
N ASP A 187 -26.48 -10.09 -14.85
CA ASP A 187 -25.47 -10.05 -13.80
C ASP A 187 -24.49 -8.92 -14.07
N GLY A 188 -24.38 -7.99 -13.14
CA GLY A 188 -23.50 -6.86 -13.32
C GLY A 188 -22.12 -6.88 -12.68
N VAL A 189 -21.74 -7.95 -11.98
CA VAL A 189 -20.51 -7.83 -11.19
C VAL A 189 -19.30 -7.73 -12.12
N LEU A 190 -19.26 -8.47 -13.24
CA LEU A 190 -18.13 -8.32 -14.14
C LEU A 190 -18.04 -6.89 -14.68
N MET A 191 -19.19 -6.29 -15.03
CA MET A 191 -19.19 -4.88 -15.39
C MET A 191 -18.70 -4.01 -14.25
N GLN A 192 -19.13 -4.29 -13.02
CA GLN A 192 -18.70 -3.50 -11.87
C GLN A 192 -17.17 -3.57 -11.67
N VAL A 193 -16.57 -4.76 -11.83
CA VAL A 193 -15.12 -4.86 -11.64
C VAL A 193 -14.36 -4.21 -12.79
N VAL A 194 -14.82 -4.34 -14.05
CA VAL A 194 -14.00 -3.74 -15.11
C VAL A 194 -14.11 -2.23 -15.06
N ILE A 195 -15.27 -1.70 -14.63
CA ILE A 195 -15.39 -0.26 -14.44
C ILE A 195 -14.51 0.21 -13.31
N SER A 196 -14.43 -0.56 -12.21
CA SER A 196 -13.49 -0.24 -11.16
C SER A 196 -12.07 -0.22 -11.70
N LEU A 197 -11.75 -1.14 -12.61
CA LEU A 197 -10.40 -1.17 -13.17
C LEU A 197 -10.13 0.03 -14.05
N GLY A 198 -11.09 0.40 -14.91
CA GLY A 198 -10.90 1.57 -15.75
C GLY A 198 -10.67 2.83 -14.94
N ILE A 199 -11.34 2.94 -13.79
CA ILE A 199 -11.28 4.16 -12.98
C ILE A 199 -10.07 4.15 -12.05
N GLU A 200 -9.83 3.04 -11.36
CA GLU A 200 -8.82 2.99 -10.31
C GLU A 200 -7.48 2.42 -10.77
N GLY A 201 -7.43 1.66 -11.87
CA GLY A 201 -6.22 0.97 -12.26
C GLY A 201 -4.98 1.82 -12.39
N PRO A 202 -5.09 3.01 -13.03
CA PRO A 202 -3.87 3.82 -13.24
C PRO A 202 -3.21 4.29 -11.97
N THR A 203 -3.94 4.35 -10.86
CA THR A 203 -3.42 4.87 -9.61
C THR A 203 -3.19 3.81 -8.55
N LEU A 204 -3.31 2.53 -8.91
CA LEU A 204 -3.01 1.46 -7.98
C LEU A 204 -1.55 1.49 -7.55
N ASP A 205 -1.29 1.01 -6.35
CA ASP A 205 0.08 0.89 -5.90
C ASP A 205 0.82 -0.16 -6.72
N PRO A 206 2.05 0.11 -7.15
CA PRO A 206 2.84 -0.91 -7.88
C PRO A 206 2.91 -2.25 -7.17
N GLY A 207 2.84 -2.28 -5.84
CA GLY A 207 2.92 -3.53 -5.10
C GLY A 207 1.71 -4.44 -5.24
N GLU A 208 0.60 -3.95 -5.77
CA GLU A 208 -0.59 -4.79 -5.95
C GLU A 208 -0.74 -5.20 -7.41
N SER A 209 -0.93 -6.48 -7.65
CA SER A 209 -1.06 -6.97 -9.02
C SER A 209 -2.47 -6.67 -9.54
N ILE A 210 -2.59 -6.55 -10.86
CA ILE A 210 -3.92 -6.39 -11.42
C ILE A 210 -4.78 -7.61 -11.10
N GLN A 211 -4.18 -8.80 -11.10
CA GLN A 211 -4.94 -10.01 -10.78
C GLN A 211 -5.50 -9.96 -9.36
N ASN A 212 -4.68 -9.49 -8.41
CA ASN A 212 -5.18 -9.36 -7.05
C ASN A 212 -6.27 -8.31 -6.98
N PHE A 213 -6.09 -7.17 -7.66
CA PHE A 213 -7.13 -6.15 -7.72
C PHE A 213 -8.45 -6.73 -8.23
N LEU A 214 -8.39 -7.46 -9.34
CA LEU A 214 -9.61 -8.02 -9.94
C LEU A 214 -10.29 -9.01 -8.99
N GLU A 215 -9.51 -9.89 -8.36
CA GLU A 215 -10.10 -10.85 -7.43
C GLU A 215 -10.70 -10.15 -6.22
N THR A 216 -9.98 -9.18 -5.65
CA THR A 216 -10.52 -8.38 -4.56
C THR A 216 -11.86 -7.76 -4.94
N ARG A 217 -11.95 -7.17 -6.13
CA ARG A 217 -13.18 -6.49 -6.46
C ARG A 217 -14.30 -7.45 -6.86
N VAL A 218 -13.98 -8.62 -7.42
CA VAL A 218 -15.00 -9.65 -7.56
C VAL A 218 -15.56 -10.01 -6.19
N SER A 219 -14.70 -10.07 -5.17
CA SER A 219 -15.21 -10.36 -3.83
C SER A 219 -16.04 -9.20 -3.31
N ASP A 220 -15.58 -7.97 -3.54
CA ASP A 220 -16.25 -6.76 -3.08
C ASP A 220 -17.67 -6.65 -3.61
N PHE A 221 -17.87 -6.97 -4.89
CA PHE A 221 -19.18 -6.85 -5.50
C PHE A 221 -20.03 -8.11 -5.32
N GLY A 222 -19.72 -8.93 -4.32
CA GLY A 222 -20.49 -10.11 -3.97
C GLY A 222 -20.42 -11.24 -4.99
N GLY A 223 -19.39 -11.25 -5.83
CA GLY A 223 -19.24 -12.21 -6.91
C GLY A 223 -18.82 -13.62 -6.50
N ASP A 224 -18.41 -13.83 -5.26
CA ASP A 224 -18.03 -15.18 -4.83
C ASP A 224 -19.25 -16.10 -4.75
N ASP A 225 -20.41 -15.57 -4.38
CA ASP A 225 -21.69 -16.29 -4.47
C ASP A 225 -22.46 -15.76 -5.68
N SER A 226 -22.35 -16.48 -6.79
CA SER A 226 -22.94 -16.06 -8.05
C SER A 226 -23.28 -17.32 -8.86
N ASP A 227 -23.82 -17.11 -10.06
CA ASP A 227 -24.16 -18.17 -11.00
C ASP A 227 -23.11 -18.34 -12.09
N ILE A 228 -22.40 -17.27 -12.39
CA ILE A 228 -21.42 -17.23 -13.47
C ILE A 228 -20.04 -17.43 -12.89
N ASP A 229 -19.21 -18.13 -13.63
CA ASP A 229 -17.81 -18.21 -13.35
C ASP A 229 -17.13 -17.02 -14.03
N TYR A 230 -16.50 -16.16 -13.24
CA TYR A 230 -15.71 -15.08 -13.81
C TYR A 230 -14.24 -15.46 -13.96
N THR A 231 -13.93 -16.73 -13.72
CA THR A 231 -12.53 -17.15 -13.57
C THR A 231 -11.72 -16.91 -14.84
N SER A 232 -12.22 -17.39 -15.98
CA SER A 232 -11.43 -17.24 -17.22
C SER A 232 -11.40 -15.78 -17.67
N ASP A 233 -12.51 -15.05 -17.50
CA ASP A 233 -12.53 -13.64 -17.89
C ASP A 233 -11.52 -12.83 -17.09
N ILE A 234 -11.59 -12.91 -15.75
CA ILE A 234 -10.68 -12.10 -14.96
C ILE A 234 -9.25 -12.64 -15.06
N ALA A 235 -9.08 -13.94 -15.31
CA ALA A 235 -7.74 -14.50 -15.54
C ALA A 235 -7.10 -13.92 -16.79
N ARG A 236 -7.85 -13.92 -17.89
CA ARG A 236 -7.32 -13.38 -19.15
C ARG A 236 -6.97 -11.90 -19.00
N LEU A 237 -7.87 -11.12 -18.40
CA LEU A 237 -7.55 -9.72 -18.19
C LEU A 237 -6.32 -9.54 -17.29
N GLY A 238 -6.35 -10.17 -16.11
CA GLY A 238 -5.30 -9.96 -15.13
C GLY A 238 -3.92 -10.35 -15.62
N SER A 239 -3.82 -11.53 -16.25
CA SER A 239 -2.51 -11.97 -16.73
C SER A 239 -1.98 -11.06 -17.84
N ALA A 240 -2.83 -10.69 -18.81
CA ALA A 240 -2.34 -9.82 -19.89
C ALA A 240 -1.84 -8.48 -19.35
N LEU A 241 -2.63 -7.89 -18.45
CA LEU A 241 -2.26 -6.58 -17.94
C LEU A 241 -1.04 -6.64 -17.02
N ASP A 242 -0.93 -7.68 -16.20
CA ASP A 242 0.24 -7.78 -15.32
C ASP A 242 1.50 -8.08 -16.12
N ARG A 243 1.42 -8.88 -17.18
CA ARG A 243 2.58 -9.02 -18.06
C ARG A 243 3.05 -7.64 -18.53
N VAL A 244 2.13 -6.80 -19.00
CA VAL A 244 2.60 -5.49 -19.45
C VAL A 244 3.12 -4.65 -18.28
N ARG A 245 2.40 -4.68 -17.15
CA ARG A 245 2.76 -3.86 -15.99
C ARG A 245 4.13 -4.23 -15.41
N GLU A 246 4.52 -5.50 -15.49
CA GLU A 246 5.85 -5.90 -15.01
C GLU A 246 6.93 -5.62 -16.04
N ASN A 247 6.70 -6.01 -17.30
CA ASN A 247 7.76 -5.86 -18.29
C ASN A 247 8.01 -4.40 -18.64
N HIS A 248 6.94 -3.64 -18.92
CA HIS A 248 7.05 -2.27 -19.43
C HIS A 248 5.92 -1.40 -18.89
N PRO A 249 5.98 -1.02 -17.61
CA PRO A 249 4.90 -0.17 -17.05
C PRO A 249 4.69 1.11 -17.83
N ASN A 250 5.74 1.67 -18.43
CA ASN A 250 5.59 2.87 -19.23
C ASN A 250 4.68 2.67 -20.45
N GLU A 251 4.34 1.42 -20.82
CA GLU A 251 3.40 1.14 -21.89
C GLU A 251 1.95 1.01 -21.41
N MET A 252 1.72 0.97 -20.11
CA MET A 252 0.37 0.83 -19.56
C MET A 252 -0.63 1.88 -20.06
N PRO A 253 -0.28 3.21 -20.23
CA PRO A 253 -1.27 4.17 -20.78
C PRO A 253 -2.06 3.67 -21.98
N ARG A 254 -1.39 3.06 -22.97
CA ARG A 254 -2.08 2.55 -24.15
C ARG A 254 -3.22 1.62 -23.76
N ILE A 255 -3.04 0.86 -22.69
CA ILE A 255 -4.10 -0.04 -22.25
C ILE A 255 -5.19 0.74 -21.51
N TRP A 256 -4.79 1.63 -20.58
CA TRP A 256 -5.80 2.39 -19.83
C TRP A 256 -6.66 3.20 -20.79
N ILE A 257 -6.03 3.82 -21.77
CA ILE A 257 -6.76 4.60 -22.76
C ILE A 257 -7.84 3.76 -23.39
N ALA A 258 -7.45 2.60 -23.92
CA ALA A 258 -8.41 1.78 -24.65
C ALA A 258 -9.49 1.26 -23.71
N LEU A 259 -9.10 0.92 -22.47
CA LEU A 259 -10.08 0.47 -21.50
C LEU A 259 -11.05 1.60 -21.16
N ALA A 260 -10.51 2.80 -20.89
CA ALA A 260 -11.38 3.91 -20.45
C ALA A 260 -12.37 4.30 -21.55
N ARG A 261 -11.87 4.44 -22.78
CA ARG A 261 -12.72 4.89 -23.89
C ARG A 261 -13.88 3.93 -24.10
N GLU A 262 -13.59 2.64 -24.27
CA GLU A 262 -14.67 1.70 -24.50
C GLU A 262 -15.64 1.67 -23.31
N LEU A 263 -15.10 1.72 -22.08
CA LEU A 263 -16.04 1.66 -20.96
C LEU A 263 -16.89 2.92 -20.93
N GLY A 264 -16.30 4.07 -21.24
CA GLY A 264 -17.08 5.29 -21.22
C GLY A 264 -18.25 5.22 -22.19
N ALA A 265 -17.99 4.69 -23.39
CA ALA A 265 -19.09 4.58 -24.35
C ALA A 265 -20.14 3.62 -23.82
N ALA A 266 -19.71 2.46 -23.31
CA ALA A 266 -20.67 1.50 -22.78
C ALA A 266 -21.50 2.12 -21.67
N VAL A 267 -20.87 2.96 -20.82
CA VAL A 267 -21.67 3.56 -19.76
C VAL A 267 -22.74 4.46 -20.36
N HIS A 268 -22.35 5.29 -21.34
CA HIS A 268 -23.32 6.23 -21.91
C HIS A 268 -24.49 5.50 -22.56
N SER A 269 -24.19 4.47 -23.36
CA SER A 269 -25.28 3.69 -23.96
C SER A 269 -26.19 3.15 -22.87
N HIS A 270 -25.59 2.56 -21.83
CA HIS A 270 -26.42 1.95 -20.80
C HIS A 270 -27.23 3.00 -20.06
N ALA A 271 -26.61 4.16 -19.78
CA ALA A 271 -27.36 5.20 -19.09
C ALA A 271 -28.59 5.60 -19.90
N THR A 272 -28.46 5.72 -21.24
CA THR A 272 -29.66 6.16 -21.95
C THR A 272 -30.76 5.11 -21.84
N SER A 273 -30.40 3.81 -21.84
CA SER A 273 -31.43 2.78 -21.67
C SER A 273 -32.16 2.95 -20.35
N VAL A 274 -31.40 3.14 -19.26
CA VAL A 274 -32.05 3.33 -17.96
C VAL A 274 -32.89 4.60 -18.01
N ARG A 275 -32.35 5.64 -18.64
CA ARG A 275 -33.10 6.89 -18.68
C ARG A 275 -34.40 6.70 -19.43
N ILE A 276 -34.36 5.99 -20.57
CA ILE A 276 -35.60 5.92 -21.33
C ILE A 276 -36.57 5.03 -20.58
N ALA A 277 -36.05 4.02 -19.87
CA ALA A 277 -36.93 3.17 -19.09
C ALA A 277 -37.66 3.95 -18.00
N ASN A 278 -37.13 5.09 -17.58
CA ASN A 278 -37.78 5.85 -16.52
C ASN A 278 -38.39 7.17 -17.02
N ALA A 279 -38.85 7.18 -18.27
CA ALA A 279 -39.44 8.39 -18.86
C ALA A 279 -40.58 8.91 -17.98
N GLY A 280 -40.61 10.24 -17.79
CA GLY A 280 -41.59 10.87 -16.93
C GLY A 280 -41.16 11.04 -15.48
N LYS A 281 -40.00 10.51 -15.10
CA LYS A 281 -39.49 10.65 -13.74
C LYS A 281 -38.06 11.21 -13.71
N ASN A 282 -37.50 11.58 -14.86
CA ASN A 282 -36.12 12.04 -14.90
C ASN A 282 -36.06 13.54 -14.67
N HIS A 283 -35.12 13.96 -13.81
CA HIS A 283 -34.89 15.37 -13.45
C HIS A 283 -33.43 15.64 -13.71
N THR A 284 -33.10 16.02 -14.95
CA THR A 284 -31.70 16.13 -15.34
C THR A 284 -30.96 17.17 -14.52
N ARG A 285 -31.66 18.23 -14.09
CA ARG A 285 -31.01 19.23 -13.24
C ARG A 285 -30.53 18.63 -11.93
N ASP A 286 -31.36 17.78 -11.32
CA ASP A 286 -30.91 17.16 -10.08
C ASP A 286 -29.81 16.15 -10.31
N VAL A 287 -29.84 15.44 -11.45
CA VAL A 287 -28.78 14.50 -11.79
C VAL A 287 -27.46 15.25 -11.94
N VAL A 288 -27.49 16.38 -12.65
CA VAL A 288 -26.26 17.14 -12.85
C VAL A 288 -25.75 17.67 -11.51
N ARG A 289 -26.64 18.25 -10.68
CA ARG A 289 -26.22 18.74 -9.36
C ARG A 289 -25.62 17.63 -8.51
N MET A 290 -26.32 16.48 -8.44
CA MET A 290 -25.85 15.39 -7.62
C MET A 290 -24.50 14.91 -8.09
N ALA A 291 -24.32 14.86 -9.43
CA ALA A 291 -23.07 14.35 -9.98
C ALA A 291 -21.93 15.30 -9.69
N ASN A 292 -22.21 16.61 -9.70
CA ASN A 292 -21.17 17.59 -9.37
C ASN A 292 -20.77 17.54 -7.89
N GLU A 293 -21.74 17.30 -6.97
CA GLU A 293 -21.42 17.24 -5.53
C GLU A 293 -20.51 16.04 -5.32
N SER A 294 -21.03 14.86 -5.76
CA SER A 294 -20.32 13.60 -5.61
C SER A 294 -18.93 13.69 -6.17
N SER A 295 -18.79 14.29 -7.35
CA SER A 295 -17.48 14.29 -7.98
C SER A 295 -16.51 15.20 -7.24
N ARG A 296 -16.96 16.36 -6.73
CA ARG A 296 -15.97 17.20 -6.05
C ARG A 296 -15.52 16.54 -4.74
N LEU A 297 -16.44 15.89 -4.01
CA LEU A 297 -16.05 15.18 -2.79
C LEU A 297 -15.14 13.98 -3.10
N LEU A 298 -15.42 13.23 -4.18
CA LEU A 298 -14.59 12.09 -4.51
C LEU A 298 -13.19 12.51 -4.95
N GLN A 299 -13.11 13.59 -5.74
CA GLN A 299 -11.81 14.08 -6.21
C GLN A 299 -10.95 14.57 -5.06
N GLY A 300 -11.56 15.29 -4.11
CA GLY A 300 -10.84 15.65 -2.90
C GLY A 300 -10.34 14.43 -2.16
N MET A 301 -11.24 13.46 -1.96
CA MET A 301 -10.86 12.21 -1.28
C MET A 301 -9.69 11.53 -1.97
N LYS A 302 -9.68 11.54 -3.31
CA LYS A 302 -8.62 10.90 -4.06
C LYS A 302 -7.28 11.58 -3.81
N VAL A 303 -7.26 12.91 -3.73
CA VAL A 303 -5.96 13.48 -3.38
C VAL A 303 -5.58 13.11 -1.95
N LEU A 304 -6.56 12.93 -1.06
CA LEU A 304 -6.19 12.66 0.32
C LEU A 304 -5.77 11.20 0.54
N SER A 305 -6.39 10.26 -0.16
CA SER A 305 -6.11 8.84 0.05
C SER A 305 -6.71 8.07 -1.11
N VAL A 306 -5.84 7.52 -1.97
CA VAL A 306 -6.33 6.82 -3.15
C VAL A 306 -7.06 5.53 -2.77
N GLY A 307 -6.62 4.85 -1.72
CA GLY A 307 -7.30 3.64 -1.31
C GLY A 307 -8.67 3.92 -0.72
N ALA A 308 -8.77 4.96 0.10
CA ALA A 308 -10.06 5.37 0.65
C ALA A 308 -11.01 5.78 -0.47
N TRP A 309 -10.51 6.57 -1.42
CA TRP A 309 -11.32 6.95 -2.57
C TRP A 309 -11.81 5.71 -3.32
N ALA A 310 -10.93 4.73 -3.54
CA ALA A 310 -11.31 3.53 -4.28
C ALA A 310 -12.39 2.73 -3.55
N ASN A 311 -12.31 2.67 -2.22
CA ASN A 311 -13.35 1.97 -1.46
C ASN A 311 -14.69 2.71 -1.53
N THR A 312 -14.67 4.05 -1.42
CA THR A 312 -15.93 4.78 -1.59
C THR A 312 -16.51 4.63 -3.00
N MET A 313 -15.63 4.69 -4.03
CA MET A 313 -16.06 4.43 -5.41
C MET A 313 -16.70 3.05 -5.55
N THR A 314 -16.13 2.05 -4.88
CA THR A 314 -16.72 0.72 -4.85
C THR A 314 -18.16 0.76 -4.38
N VAL A 315 -18.44 1.58 -3.37
CA VAL A 315 -19.82 1.68 -2.90
C VAL A 315 -20.73 2.22 -3.99
N LEU A 316 -20.30 3.31 -4.65
CA LEU A 316 -21.16 3.89 -5.68
C LEU A 316 -21.40 2.91 -6.84
N ILE A 317 -20.33 2.28 -7.33
CA ILE A 317 -20.40 1.34 -8.46
C ILE A 317 -21.28 0.14 -8.12
N GLY A 318 -21.29 -0.28 -6.84
CA GLY A 318 -22.13 -1.39 -6.43
C GLY A 318 -23.62 -1.13 -6.62
N ASP A 319 -24.04 0.12 -6.66
CA ASP A 319 -25.45 0.43 -6.87
C ASP A 319 -25.83 0.50 -8.34
N LEU A 320 -24.86 0.51 -9.25
CA LEU A 320 -25.10 0.62 -10.68
C LEU A 320 -25.09 -0.76 -11.33
N PHE A 321 -25.64 -0.83 -12.54
CA PHE A 321 -25.66 -2.08 -13.30
C PHE A 321 -26.46 -3.15 -12.57
N ALA A 322 -27.61 -2.73 -12.04
CA ALA A 322 -28.56 -3.55 -11.29
C ALA A 322 -27.88 -4.15 -10.07
N LEU B 87 -12.18 20.43 3.30
CA LEU B 87 -11.64 19.57 2.24
C LEU B 87 -10.70 20.31 1.27
N LYS B 88 -11.14 21.49 0.81
CA LYS B 88 -10.29 22.38 0.00
C LYS B 88 -8.95 22.68 0.68
N ASP B 89 -8.99 22.97 1.99
CA ASP B 89 -7.79 23.30 2.75
C ASP B 89 -6.89 22.07 2.89
N ALA B 90 -7.48 20.92 3.24
CA ALA B 90 -6.71 19.68 3.32
C ALA B 90 -6.15 19.29 1.96
N VAL B 91 -6.87 19.55 0.86
CA VAL B 91 -6.33 19.22 -0.45
C VAL B 91 -5.08 20.05 -0.74
N HIS B 92 -5.07 21.32 -0.31
CA HIS B 92 -3.85 22.13 -0.43
C HIS B 92 -2.72 21.64 0.51
N SER B 93 -3.07 21.34 1.76
CA SER B 93 -2.07 20.89 2.72
C SER B 93 -1.45 19.55 2.31
N HIS B 94 -2.16 18.76 1.52
CA HIS B 94 -1.57 17.51 1.04
C HIS B 94 -0.40 17.77 0.08
N ALA B 95 -0.56 18.71 -0.86
CA ALA B 95 0.54 19.02 -1.76
C ALA B 95 1.74 19.58 -1.00
N GLU B 96 1.48 20.49 -0.05
CA GLU B 96 2.61 21.00 0.75
C GLU B 96 3.26 19.90 1.59
N SER B 97 2.45 18.95 2.10
CA SER B 97 3.00 17.86 2.88
C SER B 97 3.88 16.95 2.02
N GLN B 98 3.45 16.64 0.80
CA GLN B 98 4.28 15.82 -0.07
C GLN B 98 5.61 16.48 -0.37
N LYS B 99 5.61 17.81 -0.67
CA LYS B 99 6.93 18.45 -0.76
C LYS B 99 7.72 18.46 0.53
N VAL B 100 7.13 18.73 1.69
CA VAL B 100 7.94 18.64 2.90
C VAL B 100 8.53 17.23 3.06
N LEU B 101 7.77 16.19 2.68
CA LEU B 101 8.26 14.82 2.77
C LEU B 101 9.48 14.59 1.88
N LYS B 102 9.41 15.02 0.62
CA LYS B 102 10.60 14.88 -0.22
C LYS B 102 11.79 15.68 0.32
N LYS B 103 11.49 16.82 0.94
CA LYS B 103 12.51 17.69 1.50
C LYS B 103 13.23 17.00 2.66
N VAL B 104 12.42 16.35 3.52
CA VAL B 104 12.93 15.68 4.71
C VAL B 104 13.74 14.45 4.33
N SER B 105 13.26 13.67 3.36
CA SER B 105 14.00 12.49 2.94
C SER B 105 15.37 12.87 2.41
N GLN B 106 15.40 13.88 1.54
CA GLN B 106 16.69 14.31 0.99
C GLN B 106 17.61 14.85 2.07
N GLU B 107 17.07 15.61 3.03
CA GLU B 107 17.90 16.21 4.07
C GLU B 107 18.50 15.15 4.99
N LEU B 108 17.70 14.16 5.38
CA LEU B 108 18.22 13.02 6.13
C LEU B 108 19.38 12.38 5.37
N GLN B 109 19.22 12.18 4.06
CA GLN B 109 20.27 11.48 3.34
C GLN B 109 21.54 12.32 3.24
N THR B 110 21.41 13.65 3.08
CA THR B 110 22.61 14.48 3.01
C THR B 110 23.30 14.60 4.37
N LYS B 111 22.52 14.68 5.46
CA LYS B 111 23.10 14.65 6.79
C LYS B 111 23.84 13.35 7.04
N TRP B 112 23.21 12.20 6.72
CA TRP B 112 23.86 10.92 6.94
C TRP B 112 25.11 10.76 6.08
N THR B 113 25.09 11.22 4.81
CA THR B 113 26.31 11.08 4.01
C THR B 113 27.42 12.00 4.51
N ASP B 114 27.08 13.24 4.90
CA ASP B 114 28.07 14.11 5.55
C ASP B 114 28.61 13.48 6.83
N TRP B 115 27.73 12.86 7.65
CA TRP B 115 28.18 12.32 8.93
C TRP B 115 29.03 11.08 8.71
N GLU B 116 28.58 10.19 7.84
CA GLU B 116 29.39 9.03 7.46
C GLU B 116 30.75 9.43 6.94
N ASN B 117 30.80 10.46 6.08
CA ASN B 117 32.09 10.92 5.55
C ASN B 117 32.99 11.48 6.65
N ASN B 118 32.45 12.37 7.49
CA ASN B 118 33.32 13.23 8.29
C ASN B 118 33.42 12.88 9.77
N ARG B 119 32.51 12.08 10.33
N ARG B 119 32.51 12.07 10.31
CA ARG B 119 32.56 11.82 11.77
CA ARG B 119 32.44 11.80 11.73
C ARG B 119 32.68 10.34 12.10
C ARG B 119 32.84 10.38 12.08
N GLY B 120 32.95 9.48 11.11
CA GLY B 120 33.41 8.13 11.36
C GLY B 120 32.50 7.30 12.25
N PRO B 121 33.07 6.75 13.33
CA PRO B 121 32.27 5.88 14.22
C PRO B 121 31.09 6.59 14.86
N ASP B 122 31.16 7.92 15.06
CA ASP B 122 30.00 8.62 15.60
C ASP B 122 28.75 8.38 14.75
N TYR B 123 28.90 8.31 13.44
CA TYR B 123 27.74 8.06 12.59
C TYR B 123 27.13 6.70 12.88
N LEU B 124 27.98 5.67 13.03
CA LEU B 124 27.48 4.33 13.36
C LEU B 124 26.83 4.30 14.74
N LEU B 125 27.43 4.96 15.72
CA LEU B 125 26.85 4.92 17.05
C LEU B 125 25.51 5.64 17.06
N HIS B 126 25.42 6.75 16.32
CA HIS B 126 24.14 7.46 16.18
C HIS B 126 23.11 6.58 15.50
N GLY B 127 23.54 5.82 14.49
CA GLY B 127 22.63 4.87 13.84
C GLY B 127 22.04 3.89 14.81
N TYR B 128 22.90 3.31 15.67
CA TYR B 128 22.43 2.32 16.64
C TYR B 128 21.46 2.96 17.64
N ARG B 129 21.73 4.20 18.03
CA ARG B 129 20.78 4.91 18.91
C ARG B 129 19.43 5.09 18.22
N VAL B 130 19.45 5.46 16.94
CA VAL B 130 18.18 5.64 16.20
C VAL B 130 17.42 4.33 16.14
N ILE B 131 18.12 3.23 15.85
CA ILE B 131 17.45 1.93 15.76
C ILE B 131 16.86 1.54 17.11
N ALA B 132 17.61 1.76 18.19
CA ALA B 132 17.13 1.39 19.53
C ALA B 132 15.89 2.19 19.89
N ARG B 133 15.88 3.50 19.61
CA ARG B 133 14.67 4.29 19.85
C ARG B 133 13.51 3.80 18.98
N ALA B 134 13.75 3.51 17.71
CA ALA B 134 12.62 3.06 16.91
C ALA B 134 12.05 1.76 17.50
N LEU B 135 12.93 0.90 18.04
CA LEU B 135 12.47 -0.34 18.68
C LEU B 135 11.71 -0.02 19.97
N GLN B 136 12.19 0.98 20.72
CA GLN B 136 11.50 1.54 21.89
C GLN B 136 10.07 1.87 21.49
N GLN B 137 9.91 2.58 20.33
CA GLN B 137 8.61 3.05 19.80
C GLN B 137 7.63 1.92 19.42
N THR B 138 8.09 0.93 18.65
CA THR B 138 7.14 -0.15 18.36
C THR B 138 6.81 -0.91 19.64
N TYR B 139 7.73 -0.95 20.61
CA TYR B 139 7.37 -1.60 21.85
C TYR B 139 6.19 -0.89 22.50
N THR B 140 6.27 0.44 22.62
CA THR B 140 5.23 1.17 23.33
C THR B 140 3.91 1.19 22.55
N GLU B 141 3.96 1.41 21.24
CA GLU B 141 2.74 1.39 20.44
C GLU B 141 2.05 0.01 20.48
N GLN B 142 2.81 -1.06 20.25
CA GLN B 142 2.20 -2.38 20.29
C GLN B 142 1.73 -2.74 21.69
N SER B 143 2.45 -2.29 22.73
CA SER B 143 1.98 -2.51 24.09
C SER B 143 0.64 -1.86 24.33
N MET B 144 0.41 -0.66 23.76
CA MET B 144 -0.92 -0.07 23.85
C MET B 144 -1.92 -0.92 23.10
N LEU B 145 -1.51 -1.50 21.97
CA LEU B 145 -2.48 -2.19 21.13
C LEU B 145 -3.08 -3.45 21.76
N ILE B 146 -2.39 -4.11 22.69
CA ILE B 146 -2.98 -5.33 23.28
C ILE B 146 -4.23 -4.97 24.07
N GLU B 147 -5.36 -5.56 23.70
CA GLU B 147 -6.64 -5.31 24.37
C GLU B 147 -7.22 -6.60 24.95
N PRO B 154 -8.18 -18.26 25.23
CA PRO B 154 -6.73 -18.47 25.33
C PRO B 154 -6.01 -18.02 24.08
N VAL B 155 -4.72 -17.78 24.24
CA VAL B 155 -3.89 -17.32 23.12
C VAL B 155 -3.57 -18.52 22.23
N PRO B 156 -3.78 -18.43 20.90
CA PRO B 156 -3.55 -19.61 20.07
C PRO B 156 -2.09 -20.07 20.14
N GLN B 157 -1.89 -21.36 19.90
CA GLN B 157 -0.55 -21.95 19.91
C GLN B 157 0.34 -21.38 18.82
N ALA B 158 -0.25 -20.99 17.68
CA ALA B 158 0.51 -20.40 16.57
C ALA B 158 1.29 -19.16 17.02
N VAL B 159 0.77 -18.40 18.00
CA VAL B 159 1.50 -17.25 18.53
C VAL B 159 2.80 -17.71 19.20
N THR B 160 2.70 -18.76 20.02
CA THR B 160 3.90 -19.32 20.63
C THR B 160 4.86 -19.84 19.56
N VAL B 161 4.34 -20.48 18.51
CA VAL B 161 5.21 -20.93 17.43
C VAL B 161 5.96 -19.74 16.80
N ALA B 162 5.25 -18.63 16.58
CA ALA B 162 5.87 -17.45 15.99
C ALA B 162 6.94 -16.85 16.89
N LYS B 163 6.65 -16.72 18.19
CA LYS B 163 7.65 -16.16 19.11
C LYS B 163 8.89 -17.03 19.19
N ASP B 164 8.71 -18.35 19.21
CA ASP B 164 9.85 -19.24 19.25
C ASP B 164 10.69 -19.11 17.98
N ALA B 165 10.03 -18.94 16.82
CA ALA B 165 10.76 -18.74 15.56
C ALA B 165 11.54 -17.41 15.57
N VAL B 166 10.96 -16.34 16.14
CA VAL B 166 11.73 -15.11 16.19
C VAL B 166 12.91 -15.27 17.15
N THR B 167 12.74 -16.00 18.27
CA THR B 167 13.87 -16.22 19.17
C THR B 167 14.98 -17.00 18.46
N GLN B 168 14.61 -18.12 17.78
CA GLN B 168 15.51 -18.81 16.85
C GLN B 168 16.29 -17.88 15.96
N THR B 169 15.56 -17.04 15.20
CA THR B 169 16.19 -16.22 14.16
C THR B 169 17.11 -15.16 14.75
N VAL B 170 16.68 -14.48 15.81
CA VAL B 170 17.56 -13.46 16.39
C VAL B 170 18.82 -14.10 16.98
N ARG B 171 18.69 -15.26 17.63
CA ARG B 171 19.89 -15.95 18.09
C ARG B 171 20.82 -16.29 16.94
N GLY B 172 20.26 -16.76 15.81
CA GLY B 172 21.09 -17.01 14.63
C GLY B 172 21.74 -15.75 14.06
N ALA B 173 20.99 -14.64 14.06
CA ALA B 173 21.55 -13.37 13.59
C ALA B 173 22.75 -12.95 14.42
N ILE B 174 22.62 -13.05 15.75
CA ILE B 174 23.71 -12.69 16.64
C ILE B 174 24.89 -13.63 16.43
N LYS B 175 24.63 -14.92 16.23
CA LYS B 175 25.71 -15.87 16.03
C LYS B 175 26.49 -15.56 14.76
N ASN B 176 25.77 -15.33 13.65
CA ASN B 176 26.43 -14.94 12.40
C ASN B 176 27.31 -13.71 12.60
N LEU B 177 26.83 -12.74 13.38
CA LEU B 177 27.57 -11.50 13.50
C LEU B 177 28.75 -11.62 14.48
N GLU B 178 28.55 -12.31 15.61
CA GLU B 178 29.45 -12.23 16.75
C GLU B 178 30.23 -13.50 17.04
N ASN B 179 29.96 -14.59 16.33
CA ASN B 179 30.73 -15.81 16.52
C ASN B 179 30.58 -16.58 15.21
N PRO B 180 31.25 -16.14 14.15
CA PRO B 180 30.96 -16.70 12.82
C PRO B 180 31.48 -18.12 12.69
N LYS B 181 30.97 -18.80 11.66
CA LYS B 181 31.39 -20.17 11.41
C LYS B 181 32.88 -20.19 11.06
N PRO B 182 33.57 -21.31 11.33
CA PRO B 182 34.97 -21.40 10.91
C PRO B 182 35.14 -21.18 9.41
N GLY B 183 36.03 -20.26 9.06
CA GLY B 183 36.33 -19.92 7.69
C GLY B 183 35.54 -18.76 7.10
N ASN B 184 34.71 -18.09 7.90
CA ASN B 184 33.92 -16.95 7.46
C ASN B 184 34.29 -15.71 8.27
N ASP B 185 33.81 -14.57 7.78
CA ASP B 185 33.87 -13.27 8.43
C ASP B 185 32.53 -12.99 9.12
N PRO B 186 32.50 -12.02 10.04
CA PRO B 186 31.20 -11.62 10.60
C PRO B 186 30.22 -11.23 9.52
N ASP B 187 28.98 -11.70 9.66
CA ASP B 187 27.95 -11.44 8.66
C ASP B 187 26.73 -10.86 9.37
N GLY B 188 26.43 -9.61 9.08
CA GLY B 188 25.35 -8.89 9.70
C GLY B 188 24.07 -8.89 8.92
N VAL B 189 24.01 -9.63 7.81
CA VAL B 189 22.85 -9.51 6.91
C VAL B 189 21.58 -10.00 7.61
N LEU B 190 21.66 -11.15 8.30
CA LEU B 190 20.49 -11.67 9.00
C LEU B 190 20.02 -10.72 10.10
N MET B 191 20.97 -10.12 10.81
CA MET B 191 20.63 -9.10 11.80
C MET B 191 19.94 -7.90 11.15
N GLN B 192 20.48 -7.42 10.03
CA GLN B 192 19.86 -6.28 9.37
C GLN B 192 18.43 -6.60 8.98
N VAL B 193 18.20 -7.83 8.52
CA VAL B 193 16.85 -8.21 8.11
C VAL B 193 15.92 -8.28 9.32
N VAL B 194 16.36 -8.85 10.43
CA VAL B 194 15.41 -8.99 11.55
C VAL B 194 15.19 -7.65 12.23
N ILE B 195 16.20 -6.77 12.23
CA ILE B 195 15.99 -5.43 12.73
C ILE B 195 14.98 -4.69 11.87
N SER B 196 15.11 -4.83 10.54
CA SER B 196 14.16 -4.17 9.66
C SER B 196 12.77 -4.71 9.91
N LEU B 197 12.65 -6.01 10.20
CA LEU B 197 11.34 -6.59 10.53
C LEU B 197 10.79 -6.05 11.85
N GLY B 198 11.63 -5.99 12.88
CA GLY B 198 11.16 -5.46 14.16
C GLY B 198 10.68 -4.01 14.05
N ILE B 199 11.33 -3.22 13.20
CA ILE B 199 11.03 -1.78 13.10
C ILE B 199 9.88 -1.52 12.12
N GLU B 200 9.90 -2.12 10.93
CA GLU B 200 8.92 -1.82 9.91
C GLU B 200 7.77 -2.82 9.80
N GLY B 201 7.91 -4.08 10.26
CA GLY B 201 6.90 -5.05 10.13
C GLY B 201 5.49 -4.65 10.67
N PRO B 202 5.48 -4.01 11.86
CA PRO B 202 4.15 -3.67 12.44
C PRO B 202 3.33 -2.71 11.61
N THR B 203 3.92 -1.91 10.74
CA THR B 203 3.16 -0.97 9.91
C THR B 203 3.15 -1.40 8.45
N LEU B 204 3.60 -2.61 8.13
CA LEU B 204 3.52 -3.08 6.77
C LEU B 204 2.06 -3.11 6.30
N ASP B 205 1.87 -2.87 5.02
CA ASP B 205 0.53 -2.93 4.46
C ASP B 205 -0.01 -4.34 4.54
N PRO B 206 -1.26 -4.54 4.97
CA PRO B 206 -1.82 -5.89 5.05
C PRO B 206 -1.72 -6.70 3.77
N GLY B 207 -1.72 -6.06 2.60
CA GLY B 207 -1.64 -6.80 1.35
C GLY B 207 -0.30 -7.44 1.06
N GLU B 208 0.76 -7.08 1.79
CA GLU B 208 2.08 -7.65 1.56
C GLU B 208 2.41 -8.63 2.68
N SER B 209 2.87 -9.82 2.30
CA SER B 209 3.17 -10.81 3.31
C SER B 209 4.53 -10.54 3.94
N ILE B 210 4.66 -10.97 5.21
CA ILE B 210 5.95 -10.91 5.90
C ILE B 210 6.98 -11.74 5.15
N GLN B 211 6.56 -12.83 4.52
CA GLN B 211 7.50 -13.66 3.78
C GLN B 211 8.13 -12.87 2.63
N ASN B 212 7.30 -12.15 1.88
CA ASN B 212 7.80 -11.33 0.79
C ASN B 212 8.68 -10.19 1.29
N PHE B 213 8.26 -9.53 2.38
CA PHE B 213 9.07 -8.49 2.99
C PHE B 213 10.46 -9.01 3.32
N LEU B 214 10.52 -10.18 3.96
CA LEU B 214 11.79 -10.74 4.40
C LEU B 214 12.69 -11.06 3.20
N GLU B 215 12.12 -11.62 2.13
CA GLU B 215 12.93 -11.94 0.95
C GLU B 215 13.47 -10.67 0.30
N THR B 216 12.59 -9.68 0.11
CA THR B 216 13.03 -8.39 -0.41
C THR B 216 14.19 -7.82 0.42
N ARG B 217 14.10 -7.92 1.75
CA ARG B 217 15.09 -7.24 2.60
C ARG B 217 16.40 -8.00 2.63
N VAL B 218 16.32 -9.33 2.56
CA VAL B 218 17.56 -10.11 2.49
C VAL B 218 18.26 -9.75 1.18
N SER B 219 17.49 -9.48 0.11
CA SER B 219 18.10 -9.02 -1.15
C SER B 219 18.68 -7.60 -1.04
N ASP B 220 17.98 -6.67 -0.39
CA ASP B 220 18.54 -5.31 -0.25
C ASP B 220 19.84 -5.33 0.55
N PHE B 221 19.89 -6.11 1.63
CA PHE B 221 21.04 -6.11 2.54
C PHE B 221 22.10 -7.11 2.06
N GLY B 222 22.88 -6.69 1.07
CA GLY B 222 24.05 -7.48 0.68
C GLY B 222 23.75 -8.85 0.10
N GLY B 223 22.55 -9.07 -0.44
CA GLY B 223 22.19 -10.37 -0.98
C GLY B 223 22.82 -10.65 -2.32
N SER B 226 26.12 -13.01 -0.58
CA SER B 226 26.52 -13.53 0.73
C SER B 226 27.13 -14.93 0.63
N ASP B 227 27.50 -15.48 1.78
CA ASP B 227 28.01 -16.85 1.86
C ASP B 227 26.99 -17.83 2.42
N ILE B 228 26.01 -17.35 3.20
CA ILE B 228 24.96 -18.18 3.78
C ILE B 228 23.69 -18.03 2.94
N ASP B 229 22.97 -19.12 2.72
CA ASP B 229 21.60 -19.01 2.21
C ASP B 229 20.69 -18.94 3.43
N TYR B 230 19.89 -17.87 3.47
CA TYR B 230 18.94 -17.63 4.54
C TYR B 230 17.56 -18.22 4.25
N THR B 231 17.46 -19.13 3.28
CA THR B 231 16.16 -19.59 2.82
C THR B 231 15.34 -20.26 3.94
N SER B 232 16.00 -21.09 4.74
N SER B 232 15.99 -21.11 4.73
CA SER B 232 15.28 -21.86 5.76
CA SER B 232 15.25 -21.86 5.75
C SER B 232 14.90 -20.99 6.94
C SER B 232 14.89 -21.00 6.95
N ASP B 233 15.83 -20.18 7.43
CA ASP B 233 15.54 -19.30 8.56
C ASP B 233 14.42 -18.31 8.23
N ILE B 234 14.56 -17.60 7.11
CA ILE B 234 13.51 -16.63 6.78
C ILE B 234 12.24 -17.37 6.38
N ALA B 235 12.34 -18.59 5.88
CA ALA B 235 11.15 -19.38 5.57
C ALA B 235 10.35 -19.67 6.84
N ARG B 236 11.02 -20.17 7.88
CA ARG B 236 10.29 -20.47 9.11
C ARG B 236 9.71 -19.20 9.71
N LEU B 237 10.50 -18.12 9.78
CA LEU B 237 10.00 -16.87 10.33
C LEU B 237 8.79 -16.37 9.55
N GLY B 238 8.92 -16.26 8.23
CA GLY B 238 7.84 -15.70 7.43
C GLY B 238 6.57 -16.50 7.53
N SER B 239 6.66 -17.84 7.41
CA SER B 239 5.43 -18.63 7.46
C SER B 239 4.79 -18.57 8.84
N ALA B 240 5.59 -18.62 9.91
CA ALA B 240 5.04 -18.54 11.26
C ALA B 240 4.33 -17.22 11.49
N LEU B 241 4.94 -16.11 11.08
CA LEU B 241 4.33 -14.81 11.33
C LEU B 241 3.10 -14.60 10.45
N ASP B 242 3.16 -15.05 9.19
CA ASP B 242 2.03 -14.84 8.29
C ASP B 242 0.82 -15.65 8.73
N ARG B 243 1.03 -16.85 9.28
CA ARG B 243 -0.10 -17.59 9.86
C ARG B 243 -0.87 -16.74 10.86
N VAL B 244 -0.16 -16.09 11.80
CA VAL B 244 -0.84 -15.28 12.81
C VAL B 244 -1.47 -14.06 12.17
N ARG B 245 -0.77 -13.45 11.20
CA ARG B 245 -1.32 -12.28 10.56
C ARG B 245 -2.63 -12.60 9.84
N GLU B 246 -2.74 -13.82 9.30
CA GLU B 246 -3.97 -14.21 8.64
C GLU B 246 -5.07 -14.64 9.62
N ASN B 247 -4.73 -15.55 10.55
CA ASN B 247 -5.77 -16.14 11.39
C ASN B 247 -6.26 -15.18 12.47
N HIS B 248 -5.35 -14.51 13.19
CA HIS B 248 -5.70 -13.65 14.33
C HIS B 248 -4.82 -12.44 14.35
N PRO B 249 -4.99 -11.44 13.47
CA PRO B 249 -4.12 -10.28 13.42
C PRO B 249 -4.04 -9.51 14.74
N ASN B 250 -5.12 -9.47 15.53
CA ASN B 250 -5.05 -8.80 16.81
C ASN B 250 -4.05 -9.46 17.77
N GLU B 251 -3.50 -10.62 17.41
CA GLU B 251 -2.47 -11.22 18.25
C GLU B 251 -1.06 -10.79 17.88
N MET B 252 -0.87 -10.14 16.73
CA MET B 252 0.47 -9.71 16.33
C MET B 252 1.17 -8.84 17.37
N PRO B 253 0.52 -7.87 18.07
CA PRO B 253 1.23 -7.11 19.12
C PRO B 253 2.12 -7.97 20.01
N ARG B 254 1.60 -9.11 20.48
CA ARG B 254 2.38 -10.01 21.34
C ARG B 254 3.67 -10.44 20.67
N ILE B 255 3.65 -10.63 19.36
CA ILE B 255 4.87 -11.02 18.65
C ILE B 255 5.80 -9.82 18.49
N TRP B 256 5.24 -8.68 18.07
CA TRP B 256 6.10 -7.51 17.86
C TRP B 256 6.82 -7.11 19.14
N ILE B 257 6.08 -7.11 20.25
CA ILE B 257 6.67 -6.75 21.54
C ILE B 257 7.89 -7.63 21.81
N ALA B 258 7.72 -8.95 21.65
CA ALA B 258 8.81 -9.85 21.98
C ALA B 258 9.99 -9.62 21.04
N LEU B 259 9.70 -9.42 19.74
CA LEU B 259 10.76 -9.16 18.78
C LEU B 259 11.51 -7.90 19.17
N ALA B 260 10.76 -6.85 19.52
CA ALA B 260 11.42 -5.59 19.81
C ALA B 260 12.39 -5.79 20.96
N ARG B 261 11.91 -6.50 21.99
CA ARG B 261 12.71 -6.73 23.18
C ARG B 261 14.00 -7.43 22.82
N GLU B 262 13.88 -8.54 22.09
CA GLU B 262 15.06 -9.32 21.76
C GLU B 262 16.00 -8.48 20.90
N LEU B 263 15.46 -7.66 20.00
CA LEU B 263 16.36 -6.84 19.19
C LEU B 263 17.02 -5.77 20.06
N GLY B 264 16.24 -5.21 20.98
CA GLY B 264 16.75 -4.10 21.76
C GLY B 264 17.97 -4.50 22.53
N ALA B 265 17.97 -5.71 23.10
CA ALA B 265 19.13 -6.18 23.83
C ALA B 265 20.32 -6.32 22.90
N ALA B 266 20.13 -6.98 21.75
CA ALA B 266 21.25 -7.18 20.84
C ALA B 266 21.83 -5.85 20.35
N VAL B 267 20.95 -4.91 19.96
CA VAL B 267 21.45 -3.64 19.48
C VAL B 267 22.31 -3.00 20.55
N HIS B 268 21.80 -2.97 21.79
CA HIS B 268 22.53 -2.27 22.85
C HIS B 268 23.87 -2.93 23.08
N SER B 269 23.89 -4.27 23.09
CA SER B 269 25.14 -4.99 23.28
C SER B 269 26.13 -4.63 22.17
N HIS B 270 25.66 -4.71 20.92
CA HIS B 270 26.57 -4.56 19.80
C HIS B 270 27.09 -3.14 19.73
N ALA B 271 26.19 -2.16 19.86
CA ALA B 271 26.61 -0.75 19.84
C ALA B 271 27.62 -0.52 20.94
N THR B 272 27.39 -1.11 22.12
CA THR B 272 28.33 -0.84 23.19
C THR B 272 29.70 -1.40 22.85
N SER B 273 29.75 -2.58 22.23
CA SER B 273 31.02 -3.11 21.77
C SER B 273 31.69 -2.12 20.84
N VAL B 274 30.91 -1.59 19.89
CA VAL B 274 31.50 -0.67 18.92
C VAL B 274 32.02 0.56 19.64
N ARG B 275 31.25 1.06 20.62
CA ARG B 275 31.70 2.24 21.34
C ARG B 275 33.00 1.96 22.05
N ILE B 276 33.10 0.77 22.66
CA ILE B 276 34.28 0.44 23.44
C ILE B 276 35.46 0.27 22.51
N ALA B 277 35.21 -0.30 21.32
CA ALA B 277 36.28 -0.44 20.35
C ALA B 277 36.86 0.92 19.95
N ASN B 278 36.10 2.00 20.16
CA ASN B 278 36.51 3.36 19.82
C ASN B 278 36.88 4.16 21.07
N ALA B 279 37.34 3.45 22.11
CA ALA B 279 37.66 4.10 23.38
C ALA B 279 38.68 5.20 23.17
N GLY B 280 38.43 6.35 23.80
CA GLY B 280 39.32 7.49 23.71
C GLY B 280 39.05 8.42 22.56
N LYS B 281 38.18 8.04 21.62
CA LYS B 281 37.91 8.87 20.45
C LYS B 281 36.45 9.20 20.19
N ASN B 282 35.50 8.75 21.01
CA ASN B 282 34.13 9.04 20.62
C ASN B 282 33.64 10.32 21.30
N HIS B 283 32.58 10.89 20.72
CA HIS B 283 32.00 12.17 21.18
C HIS B 283 30.54 11.90 21.51
N THR B 284 30.30 11.39 22.72
CA THR B 284 29.00 10.83 23.03
C THR B 284 27.90 11.89 23.02
N ARG B 285 28.22 13.12 23.42
CA ARG B 285 27.23 14.19 23.44
C ARG B 285 26.70 14.51 22.05
N ASP B 286 27.58 14.66 21.05
CA ASP B 286 27.00 14.87 19.72
C ASP B 286 26.44 13.60 19.12
N VAL B 287 26.89 12.40 19.49
CA VAL B 287 26.16 11.22 19.03
C VAL B 287 24.70 11.32 19.50
N VAL B 288 24.49 11.75 20.74
CA VAL B 288 23.13 11.93 21.24
C VAL B 288 22.40 12.99 20.42
N ARG B 289 23.08 14.11 20.13
CA ARG B 289 22.47 15.16 19.31
C ARG B 289 22.08 14.66 17.91
N MET B 290 23.01 14.00 17.23
CA MET B 290 22.74 13.49 15.90
C MET B 290 21.57 12.51 15.93
N ALA B 291 21.48 11.70 16.99
CA ALA B 291 20.41 10.71 17.07
C ALA B 291 19.06 11.38 17.31
N ASN B 292 19.03 12.44 18.12
CA ASN B 292 17.78 13.17 18.34
C ASN B 292 17.29 13.82 17.06
N GLU B 293 18.22 14.35 16.25
CA GLU B 293 17.88 14.97 14.97
C GLU B 293 17.31 13.96 13.98
N SER B 294 18.08 12.88 13.71
CA SER B 294 17.60 11.82 12.84
C SER B 294 16.25 11.29 13.29
N SER B 295 16.08 11.07 14.61
CA SER B 295 14.85 10.46 15.09
C SER B 295 13.67 11.38 14.91
N ARG B 296 13.85 12.69 15.14
CA ARG B 296 12.72 13.61 14.95
C ARG B 296 12.31 13.68 13.48
N LEU B 297 13.27 13.76 12.56
CA LEU B 297 12.88 13.76 11.15
C LEU B 297 12.26 12.42 10.74
N LEU B 298 12.81 11.29 11.23
CA LEU B 298 12.29 10.00 10.80
C LEU B 298 10.88 9.79 11.31
N GLN B 299 10.61 10.19 12.57
CA GLN B 299 9.27 10.04 13.15
C GLN B 299 8.27 10.90 12.39
N GLY B 300 8.69 12.11 11.99
CA GLY B 300 7.82 12.93 11.15
C GLY B 300 7.49 12.24 9.83
N MET B 301 8.54 11.79 9.14
CA MET B 301 8.37 11.08 7.88
C MET B 301 7.43 9.89 8.04
N LYS B 302 7.54 9.18 9.16
CA LYS B 302 6.70 8.02 9.38
C LYS B 302 5.23 8.41 9.42
N VAL B 303 4.91 9.52 10.10
CA VAL B 303 3.49 9.89 10.05
C VAL B 303 3.09 10.35 8.65
N LEU B 304 4.03 10.92 7.87
CA LEU B 304 3.64 11.43 6.56
C LEU B 304 3.48 10.32 5.51
N SER B 305 4.34 9.29 5.58
CA SER B 305 4.34 8.21 4.61
C SER B 305 5.13 7.03 5.13
N VAL B 306 4.45 5.93 5.46
CA VAL B 306 5.12 4.78 6.05
C VAL B 306 6.05 4.12 5.04
N GLY B 307 5.72 4.15 3.75
CA GLY B 307 6.62 3.52 2.78
C GLY B 307 7.90 4.31 2.56
N ALA B 308 7.78 5.63 2.45
CA ALA B 308 8.96 6.48 2.32
C ALA B 308 9.86 6.34 3.54
N TRP B 309 9.25 6.35 4.72
CA TRP B 309 9.97 6.14 5.96
C TRP B 309 10.69 4.80 5.96
N ALA B 310 9.98 3.73 5.55
CA ALA B 310 10.58 2.39 5.57
C ALA B 310 11.79 2.30 4.68
N ASN B 311 11.74 2.93 3.49
CA ASN B 311 12.91 2.90 2.62
C ASN B 311 14.07 3.67 3.22
N THR B 312 13.79 4.82 3.85
CA THR B 312 14.89 5.57 4.48
C THR B 312 15.49 4.80 5.67
N MET B 313 14.64 4.18 6.48
CA MET B 313 15.13 3.34 7.57
C MET B 313 15.97 2.18 7.06
N THR B 314 15.55 1.56 5.96
CA THR B 314 16.37 0.53 5.35
C THR B 314 17.74 1.06 4.98
N VAL B 315 17.81 2.30 4.49
CA VAL B 315 19.13 2.86 4.18
C VAL B 315 19.98 2.93 5.45
N LEU B 316 19.41 3.45 6.54
CA LEU B 316 20.21 3.54 7.76
C LEU B 316 20.66 2.15 8.26
N ILE B 317 19.73 1.18 8.24
CA ILE B 317 20.01 -0.15 8.76
C ILE B 317 21.12 -0.80 7.94
N GLY B 318 21.15 -0.52 6.64
CA GLY B 318 22.18 -1.06 5.76
C GLY B 318 23.58 -0.63 6.12
N ASP B 319 23.73 0.48 6.85
CA ASP B 319 25.07 0.91 7.25
C ASP B 319 25.52 0.33 8.57
N LEU B 320 24.64 -0.30 9.35
CA LEU B 320 24.99 -0.87 10.64
C LEU B 320 25.31 -2.36 10.52
N PHE B 321 25.94 -2.89 11.57
CA PHE B 321 26.26 -4.32 11.68
C PHE B 321 27.13 -4.79 10.53
N ALA B 322 28.12 -3.97 10.16
CA ALA B 322 29.03 -4.26 9.08
C ALA B 322 30.45 -3.86 9.50
#